data_5RKZ
#
_entry.id   5RKZ
#
_cell.length_a   49.550
_cell.length_b   52.390
_cell.length_c   101.730
_cell.angle_alpha   90.000
_cell.angle_beta   90.000
_cell.angle_gamma   90.000
#
_symmetry.space_group_name_H-M   'P 21 21 21'
#
loop_
_entity.id
_entity.type
_entity.pdbx_description
1 polymer 'Uridine diphosphate glucose pyrophosphatase NUDT22'
2 non-polymer 'DIMETHYL SULFOXIDE'
3 water water
#
_entity_poly.entity_id   1
_entity_poly.type   'polypeptide(L)'
_entity_poly.pdbx_seq_one_letter_code
;SMDPEVTLLLQCPGGGLPQEQIQAELSPAHDRRPLPGGDEAITAIWETRLKAQPWLFDAPKFRLHSATLAPIGSRGPQLL
LRLGLTSYRDFLGTNWSSSAAWLRQQGATDWGDTQAYLADPLGVGAALATADDFLVFLRRSRQVAEAPGLVDVPGGHPEP
QALCPGGSPQHQDLAGQLVVHELFSSVLQEICDEVNLPLLTLSQPLLLGIARNETSAGRASAEFYVQCSLTSEQVRKHYL
SGGPEAHESTGIFFVETQNVRRLPETEMWAELCPSAKGAIILYNRVQGSPTGAALGSPALLPPL
;
_entity_poly.pdbx_strand_id   A
#
loop_
_chem_comp.id
_chem_comp.type
_chem_comp.name
_chem_comp.formula
DMS non-polymer 'DIMETHYL SULFOXIDE' 'C2 H6 O S'
#
# COMPACT_ATOMS: atom_id res chain seq x y z
N ASP A 3 3.34 16.12 6.83
CA ASP A 3 3.78 14.70 7.06
CA ASP A 3 3.79 14.77 7.07
C ASP A 3 4.91 14.32 6.10
N PRO A 4 6.16 14.61 6.49
CA PRO A 4 7.19 14.36 5.53
C PRO A 4 7.49 12.91 5.25
N GLU A 5 6.95 11.93 6.04
CA GLU A 5 7.31 10.58 5.76
C GLU A 5 6.36 9.94 4.72
N VAL A 6 5.33 10.68 4.28
CA VAL A 6 4.46 10.22 3.15
C VAL A 6 4.20 11.28 2.03
N THR A 7 4.40 10.84 0.77
CA THR A 7 4.18 11.68 -0.42
C THR A 7 3.12 10.98 -1.33
N LEU A 8 2.16 11.73 -1.87
CA LEU A 8 1.18 11.19 -2.81
C LEU A 8 1.79 11.15 -4.18
N LEU A 9 1.79 10.00 -4.84
CA LEU A 9 2.22 9.88 -6.24
C LEU A 9 1.04 9.94 -7.18
N LEU A 10 -0.12 9.47 -6.77
CA LEU A 10 -1.35 9.44 -7.61
C LEU A 10 -2.57 9.59 -6.75
N GLN A 11 -3.54 10.44 -7.13
CA GLN A 11 -4.90 10.56 -6.57
C GLN A 11 -5.88 10.19 -7.69
N CYS A 12 -6.67 9.18 -7.55
CA CYS A 12 -7.56 8.72 -8.60
C CYS A 12 -8.83 9.56 -8.71
N PRO A 13 -9.40 9.67 -9.92
CA PRO A 13 -10.66 10.39 -10.12
C PRO A 13 -11.88 9.53 -9.88
N GLY A 14 -13.05 10.13 -9.91
CA GLY A 14 -14.29 9.44 -9.89
C GLY A 14 -14.66 8.74 -8.62
N GLY A 15 -13.98 9.04 -7.52
CA GLY A 15 -14.18 8.36 -6.25
C GLY A 15 -13.34 7.06 -6.18
N GLY A 16 -12.52 6.78 -7.18
CA GLY A 16 -11.63 5.60 -7.21
C GLY A 16 -11.85 4.79 -8.46
N LEU A 17 -10.82 4.16 -8.95
CA LEU A 17 -10.95 3.33 -10.21
C LEU A 17 -11.19 1.84 -10.01
N PRO A 18 -12.16 1.27 -10.77
CA PRO A 18 -12.31 -0.18 -10.78
C PRO A 18 -11.25 -0.88 -11.65
N GLN A 19 -11.10 -2.18 -11.43
CA GLN A 19 -10.16 -2.99 -12.12
C GLN A 19 -10.16 -2.85 -13.69
N GLU A 20 -11.36 -2.76 -14.23
CA GLU A 20 -11.57 -2.75 -15.69
C GLU A 20 -11.10 -1.46 -16.36
N GLN A 21 -10.78 -0.42 -15.56
CA GLN A 21 -10.26 0.86 -16.09
C GLN A 21 -8.75 1.02 -16.04
N ILE A 22 -8.02 -0.02 -15.63
CA ILE A 22 -6.60 0.08 -15.42
C ILE A 22 -5.85 -0.87 -16.36
N GLN A 23 -4.82 -0.32 -16.98
CA GLN A 23 -3.84 -1.08 -17.80
C GLN A 23 -2.50 -1.19 -17.07
N ALA A 24 -1.82 -2.30 -17.26
CA ALA A 24 -0.43 -2.47 -16.75
C ALA A 24 0.52 -2.77 -17.96
N GLU A 25 1.73 -2.22 -17.89
CA GLU A 25 2.83 -2.56 -18.80
C GLU A 25 3.93 -3.14 -17.86
N LEU A 26 4.10 -4.47 -17.90
CA LEU A 26 5.18 -5.18 -17.14
C LEU A 26 6.33 -5.41 -18.08
N SER A 27 7.47 -4.76 -17.85
CA SER A 27 8.58 -4.72 -18.80
C SER A 27 9.91 -4.65 -18.08
N PRO A 28 10.97 -5.36 -18.59
CA PRO A 28 12.28 -5.26 -17.93
C PRO A 28 12.87 -3.82 -18.07
N ALA A 29 12.32 -2.93 -18.95
CA ALA A 29 12.72 -1.53 -18.97
C ALA A 29 12.35 -0.76 -17.66
N HIS A 30 11.44 -1.39 -16.87
CA HIS A 30 10.92 -0.81 -15.61
C HIS A 30 11.63 -1.37 -14.36
N ASP A 31 12.66 -2.19 -14.59
CA ASP A 31 13.46 -2.83 -13.52
C ASP A 31 14.42 -1.82 -12.89
N ARG A 32 14.86 -2.11 -11.65
CA ARG A 32 16.01 -1.43 -11.06
C ARG A 32 17.25 -1.51 -11.98
N ARG A 33 18.05 -0.45 -11.96
CA ARG A 33 19.40 -0.49 -12.64
C ARG A 33 20.43 -1.19 -11.77
N PRO A 34 21.38 -1.92 -12.37
CA PRO A 34 22.47 -2.54 -11.59
C PRO A 34 23.23 -1.44 -10.80
N LEU A 35 23.63 -1.72 -9.58
CA LEU A 35 24.33 -0.72 -8.76
C LEU A 35 25.69 -0.31 -9.37
N PRO A 36 26.13 0.92 -9.12
CA PRO A 36 27.35 1.37 -9.82
C PRO A 36 28.65 0.46 -9.67
N GLY A 37 28.84 0.00 -8.46
CA GLY A 37 29.98 -0.87 -8.12
C GLY A 37 29.65 -2.33 -8.23
N GLY A 38 28.44 -2.63 -8.69
CA GLY A 38 27.94 -3.97 -8.96
C GLY A 38 26.95 -4.45 -7.89
N ASP A 39 26.11 -5.39 -8.33
CA ASP A 39 25.08 -5.99 -7.42
C ASP A 39 25.69 -6.96 -6.39
N GLU A 40 27.01 -7.24 -6.45
CA GLU A 40 27.69 -7.92 -5.35
C GLU A 40 27.45 -7.35 -3.95
N ALA A 41 27.18 -6.05 -3.79
CA ALA A 41 26.88 -5.48 -2.51
C ALA A 41 25.57 -6.02 -1.92
N ILE A 42 24.59 -6.27 -2.78
CA ILE A 42 23.31 -6.87 -2.38
C ILE A 42 23.52 -8.33 -1.94
N THR A 43 24.24 -9.08 -2.73
CA THR A 43 24.58 -10.45 -2.38
C THR A 43 25.30 -10.53 -1.05
N ALA A 44 26.24 -9.62 -0.71
CA ALA A 44 26.92 -9.67 0.54
C ALA A 44 25.99 -9.45 1.75
N ILE A 45 25.06 -8.46 1.65
CA ILE A 45 24.08 -8.21 2.71
C ILE A 45 23.18 -9.46 2.93
N TRP A 46 22.79 -10.08 1.82
CA TRP A 46 21.89 -11.28 1.87
C TRP A 46 22.61 -12.46 2.53
N GLU A 47 23.85 -12.70 2.16
CA GLU A 47 24.66 -13.77 2.76
C GLU A 47 24.81 -13.60 4.23
N THR A 48 25.12 -12.37 4.70
CA THR A 48 25.19 -12.08 6.11
C THR A 48 23.89 -12.34 6.89
N ARG A 49 22.75 -11.99 6.25
CA ARG A 49 21.45 -12.23 6.83
C ARG A 49 21.10 -13.73 6.90
N LEU A 50 21.35 -14.47 5.84
CA LEU A 50 21.05 -15.93 5.85
C LEU A 50 21.93 -16.69 6.77
N LYS A 51 23.18 -16.26 6.97
CA LYS A 51 24.06 -16.91 7.93
C LYS A 51 23.68 -16.66 9.43
N ALA A 52 22.81 -15.72 9.68
CA ALA A 52 22.20 -15.48 11.01
C ALA A 52 20.77 -16.06 11.14
N GLN A 53 20.05 -16.14 10.02
CA GLN A 53 18.61 -16.56 10.01
C GLN A 53 18.43 -17.47 8.77
N PRO A 54 18.91 -18.74 8.84
CA PRO A 54 18.96 -19.60 7.64
C PRO A 54 17.58 -20.07 7.09
N TRP A 55 16.53 -19.89 7.95
CA TRP A 55 15.11 -20.17 7.57
C TRP A 55 14.46 -19.08 6.71
N LEU A 56 15.16 -17.96 6.50
CA LEU A 56 14.59 -16.94 5.57
C LEU A 56 14.62 -17.39 4.12
N PHE A 57 13.66 -16.90 3.34
CA PHE A 57 13.63 -17.18 1.92
C PHE A 57 13.36 -15.90 1.10
N ASP A 58 13.86 -15.89 -0.11
CA ASP A 58 13.63 -14.77 -1.07
C ASP A 58 12.22 -15.00 -1.67
N ALA A 59 11.69 -13.94 -2.29
CA ALA A 59 10.41 -14.02 -3.00
C ALA A 59 10.43 -12.89 -4.07
N PRO A 60 9.85 -13.14 -5.23
CA PRO A 60 9.71 -12.06 -6.23
C PRO A 60 8.62 -11.08 -5.78
N LYS A 61 8.77 -9.86 -6.35
CA LYS A 61 7.85 -8.74 -6.06
C LYS A 61 7.66 -7.94 -7.34
N PHE A 62 6.50 -7.23 -7.44
CA PHE A 62 6.40 -6.21 -8.49
C PHE A 62 7.16 -4.93 -8.07
N ARG A 63 7.78 -4.29 -9.06
CA ARG A 63 8.45 -3.00 -8.86
C ARG A 63 7.61 -1.86 -9.49
N LEU A 64 7.30 -0.79 -8.75
CA LEU A 64 6.68 0.39 -9.37
C LEU A 64 7.70 1.28 -10.04
N HIS A 65 7.58 1.48 -11.36
CA HIS A 65 8.33 2.52 -12.06
C HIS A 65 7.56 3.87 -12.08
N SER A 66 6.29 3.89 -12.47
CA SER A 66 5.53 5.14 -12.63
C SER A 66 4.07 4.78 -12.88
N ALA A 67 3.20 5.80 -12.77
CA ALA A 67 1.78 5.59 -13.04
C ALA A 67 1.22 6.86 -13.71
N THR A 68 0.66 6.74 -14.93
CA THR A 68 0.18 7.94 -15.68
C THR A 68 -1.34 7.85 -15.84
N LEU A 69 -2.00 8.89 -15.31
CA LEU A 69 -3.48 9.05 -15.42
C LEU A 69 -3.84 9.69 -16.74
N ALA A 70 -4.93 9.16 -17.32
CA ALA A 70 -5.54 9.73 -18.53
C ALA A 70 -6.05 11.17 -18.24
N PRO A 71 -6.25 11.98 -19.29
CA PRO A 71 -6.97 13.27 -19.10
C PRO A 71 -8.32 13.04 -18.40
N ILE A 72 -8.65 13.82 -17.35
CA ILE A 72 -9.92 13.57 -16.60
C ILE A 72 -11.16 13.75 -17.49
N GLY A 73 -12.12 12.88 -17.25
CA GLY A 73 -13.40 12.86 -17.96
C GLY A 73 -13.43 12.13 -19.27
N SER A 74 -12.33 11.46 -19.63
CA SER A 74 -12.13 10.78 -20.92
C SER A 74 -12.82 9.38 -20.84
N ARG A 75 -13.04 8.83 -22.03
CA ARG A 75 -13.55 7.48 -22.17
C ARG A 75 -12.31 6.57 -22.26
N GLY A 76 -12.56 5.30 -22.06
CA GLY A 76 -11.52 4.35 -22.31
C GLY A 76 -10.67 4.17 -21.04
N PRO A 77 -9.59 3.39 -21.13
CA PRO A 77 -8.73 3.18 -19.92
C PRO A 77 -8.23 4.48 -19.27
N GLN A 78 -8.25 4.48 -17.94
CA GLN A 78 -7.96 5.70 -17.19
C GLN A 78 -6.58 5.78 -16.57
N LEU A 79 -5.89 4.63 -16.41
CA LEU A 79 -4.59 4.62 -15.77
C LEU A 79 -3.72 3.63 -16.44
N LEU A 80 -2.46 4.00 -16.61
CA LEU A 80 -1.40 3.07 -17.09
C LEU A 80 -0.31 2.90 -15.94
N LEU A 81 -0.19 1.69 -15.41
CA LEU A 81 0.82 1.36 -14.35
C LEU A 81 2.01 0.75 -15.08
N ARG A 82 3.17 1.37 -14.97
CA ARG A 82 4.42 0.82 -15.48
C ARG A 82 5.14 0.09 -14.37
N LEU A 83 5.25 -1.25 -14.54
CA LEU A 83 5.80 -2.16 -13.53
C LEU A 83 7.01 -2.95 -14.10
N GLY A 84 7.94 -3.24 -13.19
CA GLY A 84 9.06 -4.14 -13.38
C GLY A 84 9.00 -5.27 -12.39
N LEU A 85 10.08 -6.05 -12.29
CA LEU A 85 10.17 -7.09 -11.24
C LEU A 85 11.33 -6.81 -10.32
N THR A 86 11.18 -7.15 -9.08
CA THR A 86 12.22 -7.04 -8.04
C THR A 86 12.10 -8.23 -7.06
N SER A 87 12.62 -8.12 -5.84
CA SER A 87 12.63 -9.25 -4.88
C SER A 87 12.79 -8.72 -3.51
N TYR A 88 12.42 -9.57 -2.54
CA TYR A 88 12.71 -9.27 -1.11
C TYR A 88 14.27 -9.04 -0.88
N ARG A 89 15.10 -9.95 -1.43
CA ARG A 89 16.59 -9.77 -1.31
C ARG A 89 17.06 -8.40 -1.78
N ASP A 90 16.52 -8.01 -2.94
CA ASP A 90 16.98 -6.69 -3.49
C ASP A 90 16.47 -5.52 -2.63
N PHE A 91 15.25 -5.65 -2.08
CA PHE A 91 14.73 -4.63 -1.10
C PHE A 91 15.70 -4.48 0.11
N LEU A 92 16.10 -5.64 0.68
CA LEU A 92 16.99 -5.63 1.88
C LEU A 92 18.32 -5.00 1.56
N GLY A 93 18.80 -5.17 0.33
CA GLY A 93 20.07 -4.56 -0.06
C GLY A 93 20.08 -3.12 -0.58
N THR A 94 18.89 -2.54 -0.72
CA THR A 94 18.77 -1.18 -1.30
C THR A 94 17.91 -0.32 -0.41
N ASN A 95 16.58 -0.34 -0.53
CA ASN A 95 15.71 0.47 0.36
C ASN A 95 16.01 0.38 1.86
N TRP A 96 16.26 -0.84 2.33
CA TRP A 96 16.47 -1.11 3.80
C TRP A 96 17.90 -0.89 4.20
N SER A 97 18.82 -0.70 3.26
CA SER A 97 20.27 -0.46 3.59
C SER A 97 20.49 0.88 4.25
N SER A 98 21.52 0.85 5.16
CA SER A 98 21.96 2.07 5.79
C SER A 98 22.38 3.13 4.76
N SER A 99 22.81 2.67 3.59
N SER A 99 22.83 2.72 3.58
CA SER A 99 23.24 3.58 2.50
CA SER A 99 23.24 3.74 2.57
C SER A 99 22.17 4.00 1.50
C SER A 99 22.16 4.07 1.53
N ALA A 100 20.91 3.76 1.82
CA ALA A 100 19.82 4.02 0.85
C ALA A 100 19.85 5.51 0.35
N ALA A 101 20.10 6.49 1.27
CA ALA A 101 20.14 7.88 0.80
C ALA A 101 21.27 8.12 -0.21
N TRP A 102 22.42 7.42 -0.06
CA TRP A 102 23.55 7.57 -0.99
C TRP A 102 23.13 7.02 -2.35
N LEU A 103 22.38 5.90 -2.36
CA LEU A 103 21.87 5.32 -3.63
C LEU A 103 20.86 6.28 -4.32
N ARG A 104 20.03 7.00 -3.55
CA ARG A 104 19.10 7.96 -4.12
C ARG A 104 19.84 9.15 -4.79
N GLN A 105 20.89 9.65 -4.12
CA GLN A 105 21.79 10.74 -4.71
C GLN A 105 22.50 10.22 -5.99
N GLN A 106 23.03 9.00 -5.97
CA GLN A 106 23.72 8.44 -7.12
CA GLN A 106 23.74 8.48 -7.13
C GLN A 106 22.76 8.28 -8.32
N GLY A 107 21.53 7.86 -8.04
CA GLY A 107 20.51 7.72 -9.08
C GLY A 107 20.15 9.07 -9.71
N ALA A 108 19.95 10.11 -8.90
CA ALA A 108 19.80 11.50 -9.43
C ALA A 108 20.99 11.84 -10.34
N THR A 109 22.23 11.62 -9.91
CA THR A 109 23.41 11.96 -10.73
C THR A 109 23.45 11.21 -12.05
N ASP A 110 23.38 9.88 -12.00
CA ASP A 110 23.60 9.03 -13.13
C ASP A 110 22.44 8.94 -14.10
N TRP A 111 21.17 8.95 -13.63
CA TRP A 111 19.96 8.60 -14.38
C TRP A 111 18.89 9.71 -14.37
N GLY A 112 19.14 10.81 -13.61
CA GLY A 112 18.07 11.78 -13.31
C GLY A 112 16.84 11.18 -12.67
N ASP A 113 17.05 10.19 -11.77
CA ASP A 113 15.96 9.38 -11.20
C ASP A 113 16.42 8.92 -9.83
N THR A 114 15.88 9.56 -8.77
CA THR A 114 16.27 9.19 -7.38
C THR A 114 15.99 7.71 -7.07
N GLN A 115 15.07 7.07 -7.80
CA GLN A 115 14.75 5.68 -7.51
C GLN A 115 15.49 4.62 -8.38
N ALA A 116 16.38 5.07 -9.27
CA ALA A 116 16.91 4.17 -10.30
C ALA A 116 17.64 2.95 -9.71
N TYR A 117 18.31 3.12 -8.56
CA TYR A 117 19.09 2.09 -7.89
C TYR A 117 18.35 1.38 -6.73
N LEU A 118 17.04 1.68 -6.60
CA LEU A 118 16.21 1.11 -5.51
C LEU A 118 15.27 0.03 -6.01
N ALA A 119 15.13 -1.03 -5.18
CA ALA A 119 14.19 -2.13 -5.50
C ALA A 119 12.74 -1.64 -5.65
N ASP A 120 12.27 -0.82 -4.73
CA ASP A 120 10.95 -0.21 -4.79
C ASP A 120 9.81 -1.23 -5.03
N PRO A 121 9.71 -2.31 -4.22
CA PRO A 121 8.58 -3.27 -4.32
C PRO A 121 7.24 -2.56 -4.05
N LEU A 122 6.24 -2.96 -4.86
CA LEU A 122 4.90 -2.36 -4.72
C LEU A 122 4.08 -3.03 -3.64
N GLY A 123 3.69 -2.27 -2.61
CA GLY A 123 2.73 -2.73 -1.63
C GLY A 123 1.28 -2.51 -1.99
N VAL A 124 0.38 -3.18 -1.28
CA VAL A 124 -1.08 -2.88 -1.30
C VAL A 124 -1.62 -2.63 0.09
N GLY A 125 -2.55 -1.71 0.24
CA GLY A 125 -3.25 -1.46 1.51
C GLY A 125 -4.69 -1.14 1.29
N ALA A 126 -5.52 -1.29 2.32
CA ALA A 126 -6.95 -1.02 2.19
C ALA A 126 -7.47 -0.11 3.31
N ALA A 127 -8.30 0.85 2.89
CA ALA A 127 -9.30 1.49 3.74
C ALA A 127 -10.49 0.56 3.69
N LEU A 128 -10.68 -0.22 4.76
CA LEU A 128 -11.74 -1.26 4.80
C LEU A 128 -12.87 -0.76 5.67
N ALA A 129 -14.05 -0.55 5.09
CA ALA A 129 -15.23 0.02 5.79
C ALA A 129 -16.20 -1.09 6.18
N THR A 130 -16.82 -0.95 7.34
CA THR A 130 -17.84 -1.87 7.86
C THR A 130 -19.23 -1.36 7.46
N ALA A 131 -20.23 -2.23 7.67
CA ALA A 131 -21.62 -1.89 7.29
C ALA A 131 -22.18 -0.78 8.18
N ASP A 132 -21.68 -0.65 9.41
CA ASP A 132 -22.06 0.40 10.43
C ASP A 132 -21.10 1.62 10.44
N ASP A 133 -20.35 1.75 9.33
N ASP A 133 -20.30 1.74 9.38
CA ASP A 133 -19.58 2.99 8.95
CA ASP A 133 -19.64 3.01 9.02
C ASP A 133 -18.43 3.26 9.93
C ASP A 133 -18.38 3.30 9.83
N PHE A 134 -17.56 2.27 10.05
CA PHE A 134 -16.20 2.42 10.69
C PHE A 134 -15.14 1.92 9.68
N LEU A 135 -13.92 2.46 9.82
CA LEU A 135 -12.71 1.87 9.21
C LEU A 135 -12.02 0.92 10.18
N VAL A 136 -11.34 -0.08 9.61
CA VAL A 136 -10.63 -1.13 10.38
C VAL A 136 -9.14 -0.82 10.52
N PHE A 137 -8.62 -0.86 11.77
CA PHE A 137 -7.16 -0.69 12.09
C PHE A 137 -6.62 -1.93 12.82
N LEU A 138 -5.32 -2.16 12.66
CA LEU A 138 -4.54 -3.34 13.22
C LEU A 138 -3.36 -2.85 13.97
N ARG A 139 -3.08 -3.43 15.13
CA ARG A 139 -1.81 -3.06 15.87
C ARG A 139 -0.69 -4.04 15.53
N ARG A 140 0.47 -3.49 15.15
CA ARG A 140 1.63 -4.31 14.82
C ARG A 140 2.35 -4.76 16.10
N SER A 141 2.90 -5.95 16.05
CA SER A 141 3.73 -6.46 17.17
C SER A 141 4.91 -5.55 17.40
N ARG A 142 5.34 -5.43 18.66
CA ARG A 142 6.49 -4.59 19.08
C ARG A 142 7.79 -5.35 18.81
N GLN A 143 7.73 -6.62 18.36
CA GLN A 143 8.92 -7.46 18.12
C GLN A 143 9.37 -7.58 16.63
N VAL A 144 8.59 -7.07 15.69
CA VAL A 144 8.96 -7.13 14.27
C VAL A 144 10.00 -6.06 13.90
N ALA A 145 10.60 -6.17 12.72
CA ALA A 145 11.64 -5.25 12.25
C ALA A 145 11.14 -3.89 11.71
N GLU A 146 10.06 -3.93 10.96
CA GLU A 146 9.49 -2.75 10.31
C GLU A 146 8.35 -2.19 11.14
N ALA A 147 8.45 -0.91 11.44
CA ALA A 147 7.35 -0.19 12.11
C ALA A 147 6.82 -0.92 13.39
N PRO A 148 7.73 -1.37 14.30
CA PRO A 148 7.24 -2.10 15.45
C PRO A 148 6.33 -1.28 16.38
N GLY A 149 5.27 -1.93 16.80
CA GLY A 149 4.32 -1.32 17.73
C GLY A 149 3.38 -0.33 17.11
N LEU A 150 3.48 -0.04 15.81
CA LEU A 150 2.68 1.01 15.22
C LEU A 150 1.30 0.44 14.72
N VAL A 151 0.40 1.41 14.46
CA VAL A 151 -0.94 1.10 13.88
C VAL A 151 -0.80 0.93 12.34
N ASP A 152 -1.42 -0.07 11.77
CA ASP A 152 -1.48 -0.32 10.31
C ASP A 152 -2.95 -0.49 9.85
N VAL A 153 -3.12 -0.62 8.57
CA VAL A 153 -4.40 -1.06 7.96
C VAL A 153 -4.11 -2.40 7.27
N PRO A 154 -5.13 -3.19 6.87
CA PRO A 154 -4.85 -4.43 6.15
C PRO A 154 -4.05 -4.24 4.88
N GLY A 155 -3.15 -5.17 4.57
CA GLY A 155 -2.33 -5.11 3.35
C GLY A 155 -1.17 -6.01 3.30
N GLY A 156 -0.34 -5.85 2.28
CA GLY A 156 0.82 -6.74 2.13
C GLY A 156 1.58 -6.39 0.87
N HIS A 157 2.50 -7.27 0.46
CA HIS A 157 3.38 -6.98 -0.70
C HIS A 157 3.23 -8.13 -1.68
N PRO A 158 2.36 -8.02 -2.73
CA PRO A 158 2.04 -9.21 -3.56
C PRO A 158 3.22 -9.81 -4.36
N GLU A 159 3.22 -11.14 -4.42
CA GLU A 159 4.19 -11.93 -5.19
C GLU A 159 3.62 -12.27 -6.56
N PRO A 160 4.27 -11.95 -7.72
CA PRO A 160 4.02 -12.31 -9.11
C PRO A 160 3.75 -13.86 -9.33
N GLN A 161 2.63 -14.19 -9.99
CA GLN A 161 2.14 -15.59 -10.27
C GLN A 161 2.35 -16.60 -9.17
N ASP A 173 -1.58 -4.72 -23.08
CA ASP A 173 -2.30 -5.19 -21.92
C ASP A 173 -2.48 -6.75 -21.96
N LEU A 174 -1.62 -7.49 -22.67
CA LEU A 174 -1.90 -8.91 -22.85
C LEU A 174 -1.36 -9.85 -21.78
N ALA A 175 -0.23 -9.55 -21.17
CA ALA A 175 0.03 -10.09 -19.78
C ALA A 175 -0.39 -9.03 -18.70
N GLY A 176 -0.42 -7.72 -19.09
CA GLY A 176 -1.06 -6.54 -18.40
C GLY A 176 -2.33 -6.81 -17.60
N GLN A 177 -3.35 -7.37 -18.23
CA GLN A 177 -4.64 -7.57 -17.51
C GLN A 177 -4.57 -8.62 -16.42
N LEU A 178 -3.72 -9.63 -16.60
CA LEU A 178 -3.55 -10.60 -15.52
C LEU A 178 -2.80 -10.01 -14.35
N VAL A 179 -1.85 -9.09 -14.61
CA VAL A 179 -1.17 -8.41 -13.56
C VAL A 179 -2.13 -7.50 -12.73
N VAL A 180 -2.95 -6.73 -13.41
CA VAL A 180 -3.97 -5.89 -12.73
C VAL A 180 -4.88 -6.82 -11.90
N HIS A 181 -5.34 -7.95 -12.45
CA HIS A 181 -6.15 -8.87 -11.67
C HIS A 181 -5.45 -9.37 -10.43
N GLU A 182 -4.13 -9.69 -10.53
CA GLU A 182 -3.42 -10.15 -9.35
CA GLU A 182 -3.36 -10.13 -9.37
C GLU A 182 -3.35 -9.06 -8.25
N LEU A 183 -3.17 -7.78 -8.66
CA LEU A 183 -3.12 -6.70 -7.65
C LEU A 183 -4.45 -6.57 -6.89
N PHE A 184 -5.56 -6.49 -7.62
CA PHE A 184 -6.87 -6.38 -7.00
C PHE A 184 -7.20 -7.64 -6.16
N SER A 185 -6.89 -8.84 -6.68
N SER A 185 -6.91 -8.84 -6.66
CA SER A 185 -7.04 -10.07 -5.87
CA SER A 185 -7.18 -10.03 -5.84
C SER A 185 -6.28 -10.05 -4.58
C SER A 185 -6.26 -10.13 -4.59
N SER A 186 -5.04 -9.61 -4.67
CA SER A 186 -4.13 -9.63 -3.53
C SER A 186 -4.69 -8.83 -2.31
N VAL A 187 -5.31 -7.67 -2.61
CA VAL A 187 -5.81 -6.87 -1.44
C VAL A 187 -6.94 -7.61 -0.74
N LEU A 188 -7.84 -8.29 -1.49
CA LEU A 188 -8.87 -9.13 -0.86
C LEU A 188 -8.29 -10.30 -0.10
N GLN A 189 -7.33 -10.99 -0.72
CA GLN A 189 -6.72 -12.15 -0.08
C GLN A 189 -6.05 -11.72 1.23
N GLU A 190 -5.39 -10.56 1.31
CA GLU A 190 -4.70 -10.08 2.54
C GLU A 190 -5.72 -9.78 3.61
N ILE A 191 -6.91 -9.23 3.23
CA ILE A 191 -8.01 -9.06 4.18
C ILE A 191 -8.50 -10.41 4.72
N CYS A 192 -8.74 -11.37 3.84
CA CYS A 192 -9.19 -12.72 4.27
C CYS A 192 -8.14 -13.39 5.17
N ASP A 193 -6.88 -13.30 4.81
CA ASP A 193 -5.80 -13.99 5.63
C ASP A 193 -5.57 -13.35 7.00
N GLU A 194 -5.58 -12.03 7.13
CA GLU A 194 -5.28 -11.35 8.40
C GLU A 194 -6.50 -11.04 9.25
N VAL A 195 -7.60 -10.61 8.63
CA VAL A 195 -8.78 -10.28 9.35
C VAL A 195 -9.73 -11.49 9.49
N ASN A 196 -9.52 -12.60 8.77
CA ASN A 196 -10.35 -13.77 8.86
C ASN A 196 -11.82 -13.59 8.43
N LEU A 197 -12.02 -12.66 7.49
CA LEU A 197 -13.34 -12.42 6.93
C LEU A 197 -13.64 -13.34 5.74
N PRO A 198 -14.90 -13.80 5.61
CA PRO A 198 -15.28 -14.51 4.40
C PRO A 198 -15.13 -13.63 3.15
N LEU A 199 -14.59 -14.20 2.08
CA LEU A 199 -14.46 -13.45 0.79
C LEU A 199 -15.76 -12.85 0.29
N LEU A 200 -16.90 -13.59 0.47
CA LEU A 200 -18.18 -13.10 0.01
C LEU A 200 -18.79 -11.98 0.79
N THR A 201 -18.15 -11.53 1.87
CA THR A 201 -18.61 -10.31 2.57
C THR A 201 -17.92 -9.02 2.04
N LEU A 202 -17.03 -9.17 1.05
CA LEU A 202 -16.22 -7.98 0.53
C LEU A 202 -16.63 -7.55 -0.85
N SER A 203 -16.73 -6.24 -1.06
CA SER A 203 -16.94 -5.62 -2.38
C SER A 203 -15.70 -5.74 -3.28
N GLN A 204 -15.89 -5.62 -4.59
CA GLN A 204 -14.73 -5.45 -5.44
C GLN A 204 -13.94 -4.14 -5.06
N PRO A 205 -12.61 -4.19 -4.99
CA PRO A 205 -11.86 -2.98 -4.53
C PRO A 205 -11.96 -1.82 -5.56
N LEU A 206 -11.86 -0.56 -5.09
CA LEU A 206 -11.59 0.57 -5.94
C LEU A 206 -10.19 1.09 -5.63
N LEU A 207 -9.37 1.41 -6.64
CA LEU A 207 -8.06 2.01 -6.40
C LEU A 207 -8.22 3.51 -6.05
N LEU A 208 -7.79 3.95 -4.85
CA LEU A 208 -7.87 5.37 -4.48
C LEU A 208 -6.69 6.16 -4.97
N GLY A 209 -5.49 5.56 -5.02
CA GLY A 209 -4.25 6.28 -5.39
C GLY A 209 -3.02 5.47 -4.98
N ILE A 210 -1.88 6.12 -5.07
CA ILE A 210 -0.58 5.52 -4.71
C ILE A 210 0.18 6.50 -3.80
N ALA A 211 0.74 5.99 -2.70
CA ALA A 211 1.51 6.77 -1.78
C ALA A 211 2.90 6.21 -1.58
N ARG A 212 3.88 7.09 -1.30
CA ARG A 212 5.26 6.67 -1.05
C ARG A 212 5.69 6.90 0.42
N ASN A 213 6.49 5.98 0.95
CA ASN A 213 7.05 5.91 2.32
C ASN A 213 8.46 6.43 2.20
N GLU A 214 8.63 7.66 2.55
CA GLU A 214 9.98 8.29 2.53
C GLU A 214 10.92 7.80 3.65
N THR A 215 10.37 7.19 4.70
CA THR A 215 11.24 6.51 5.69
C THR A 215 11.83 5.17 5.20
N SER A 216 11.27 4.64 4.12
CA SER A 216 11.79 3.47 3.46
C SER A 216 12.35 3.75 2.02
N ALA A 217 12.97 4.95 1.85
CA ALA A 217 13.67 5.38 0.62
C ALA A 217 12.73 5.52 -0.57
N GLY A 218 11.46 5.77 -0.30
CA GLY A 218 10.50 6.06 -1.33
C GLY A 218 9.76 4.88 -1.91
N ARG A 219 9.75 3.71 -1.24
CA ARG A 219 8.91 2.61 -1.76
C ARG A 219 7.40 2.87 -1.66
N ALA A 220 6.72 2.49 -2.73
CA ALA A 220 5.32 2.91 -2.91
C ALA A 220 4.30 1.81 -2.57
N SER A 221 3.08 2.20 -2.19
CA SER A 221 1.96 1.26 -2.00
C SER A 221 0.72 1.77 -2.74
N ALA A 222 0.03 0.88 -3.45
CA ALA A 222 -1.31 1.17 -4.01
C ALA A 222 -2.35 1.05 -2.92
N GLU A 223 -3.20 2.08 -2.71
CA GLU A 223 -4.17 2.15 -1.64
C GLU A 223 -5.59 2.03 -2.19
N PHE A 224 -6.34 1.07 -1.66
CA PHE A 224 -7.70 0.68 -2.15
C PHE A 224 -8.80 0.98 -1.13
N TYR A 225 -10.03 1.12 -1.60
CA TYR A 225 -11.23 1.16 -0.76
C TYR A 225 -11.98 -0.14 -0.95
N VAL A 226 -12.34 -0.80 0.17
CA VAL A 226 -13.10 -2.05 0.18
C VAL A 226 -14.22 -1.92 1.20
N GLN A 227 -15.46 -2.31 0.81
CA GLN A 227 -16.59 -2.29 1.73
CA GLN A 227 -16.58 -2.28 1.76
C GLN A 227 -16.90 -3.70 2.17
N CYS A 228 -17.25 -3.88 3.45
CA CYS A 228 -17.65 -5.15 4.01
C CYS A 228 -19.14 -5.06 4.42
N SER A 229 -19.84 -6.18 4.21
CA SER A 229 -21.28 -6.29 4.58
C SER A 229 -21.50 -6.59 6.05
N LEU A 230 -20.43 -6.92 6.80
CA LEU A 230 -20.49 -7.13 8.28
C LEU A 230 -20.33 -5.85 9.08
N THR A 231 -20.97 -5.80 10.25
CA THR A 231 -20.73 -4.73 11.21
C THR A 231 -19.38 -4.84 11.92
N SER A 232 -18.95 -3.75 12.55
CA SER A 232 -17.74 -3.73 13.37
C SER A 232 -17.72 -4.90 14.39
N GLU A 233 -18.86 -5.11 15.09
CA GLU A 233 -18.90 -6.23 16.06
C GLU A 233 -18.65 -7.59 15.43
N GLN A 234 -19.26 -7.79 14.25
CA GLN A 234 -19.08 -9.04 13.51
C GLN A 234 -17.65 -9.21 12.99
N VAL A 235 -17.05 -8.08 12.46
CA VAL A 235 -15.65 -8.14 12.01
C VAL A 235 -14.69 -8.54 13.13
N ARG A 236 -14.90 -7.95 14.32
CA ARG A 236 -14.10 -8.26 15.54
C ARG A 236 -14.20 -9.74 15.92
N LYS A 237 -15.46 -10.25 15.89
CA LYS A 237 -15.69 -11.70 16.16
C LYS A 237 -14.88 -12.62 15.22
N HIS A 238 -14.93 -12.33 13.89
CA HIS A 238 -14.20 -13.12 12.95
C HIS A 238 -12.68 -13.06 13.18
N TYR A 239 -12.12 -11.84 13.35
CA TYR A 239 -10.72 -11.66 13.63
C TYR A 239 -10.26 -12.49 14.83
N LEU A 240 -11.02 -12.38 15.93
CA LEU A 240 -10.60 -13.07 17.20
C LEU A 240 -10.76 -14.57 17.13
N SER A 241 -11.71 -15.05 16.35
CA SER A 241 -12.03 -16.51 16.34
C SER A 241 -10.98 -17.40 15.69
N GLY A 242 -10.02 -16.79 15.02
CA GLY A 242 -8.86 -17.54 14.53
C GLY A 242 -7.85 -17.86 15.62
N GLY A 243 -7.84 -17.09 16.69
CA GLY A 243 -6.82 -17.31 17.76
C GLY A 243 -5.55 -16.54 17.46
N PRO A 244 -4.64 -16.45 18.43
CA PRO A 244 -3.44 -15.62 18.21
C PRO A 244 -2.53 -16.06 17.03
N GLU A 245 -2.60 -17.32 16.60
CA GLU A 245 -1.79 -17.77 15.43
C GLU A 245 -2.44 -17.48 14.08
N ALA A 246 -3.67 -17.04 14.06
CA ALA A 246 -4.32 -16.76 12.77
C ALA A 246 -4.02 -15.35 12.22
N HIS A 247 -3.31 -14.53 12.98
CA HIS A 247 -2.98 -13.16 12.55
C HIS A 247 -1.56 -12.72 12.97
N GLU A 248 -0.88 -11.90 12.13
CA GLU A 248 0.41 -11.34 12.46
C GLU A 248 0.26 -10.16 13.44
N SER A 249 -0.81 -9.38 13.28
CA SER A 249 -1.08 -8.25 14.21
C SER A 249 -1.43 -8.76 15.64
N THR A 250 -1.40 -7.84 16.61
CA THR A 250 -1.72 -8.18 18.00
C THR A 250 -3.05 -7.69 18.54
N GLY A 251 -3.82 -6.96 17.70
CA GLY A 251 -5.13 -6.47 18.04
C GLY A 251 -5.77 -5.80 16.82
N ILE A 252 -7.09 -5.58 16.95
CA ILE A 252 -7.98 -4.93 15.94
C ILE A 252 -8.74 -3.83 16.67
N PHE A 253 -9.05 -2.75 15.96
CA PHE A 253 -9.92 -1.69 16.47
C PHE A 253 -10.53 -0.87 15.34
N PHE A 254 -11.48 0.00 15.69
CA PHE A 254 -12.39 0.64 14.68
C PHE A 254 -12.50 2.13 14.99
N VAL A 255 -12.52 2.97 13.93
CA VAL A 255 -12.79 4.41 14.07
C VAL A 255 -13.95 4.79 13.13
N GLU A 256 -14.95 5.51 13.66
CA GLU A 256 -16.08 5.95 12.81
C GLU A 256 -15.55 6.75 11.60
N THR A 257 -16.13 6.51 10.40
CA THR A 257 -15.76 7.35 9.27
C THR A 257 -15.92 8.84 9.52
N GLN A 258 -16.95 9.23 10.34
CA GLN A 258 -17.07 10.56 10.79
C GLN A 258 -15.78 11.16 11.36
N ASN A 259 -15.09 10.37 12.15
CA ASN A 259 -13.92 10.79 12.91
C ASN A 259 -12.60 10.61 12.11
N VAL A 260 -12.62 9.77 11.08
CA VAL A 260 -11.39 9.69 10.22
C VAL A 260 -11.06 10.99 9.51
N ARG A 261 -12.11 11.81 9.23
CA ARG A 261 -11.91 13.10 8.65
C ARG A 261 -10.84 13.97 9.38
N ARG A 262 -10.80 13.93 10.72
CA ARG A 262 -9.86 14.78 11.48
C ARG A 262 -8.77 13.94 12.11
N LEU A 263 -8.59 12.69 11.66
CA LEU A 263 -7.53 11.83 12.24
C LEU A 263 -6.09 12.49 12.32
N PRO A 264 -5.69 13.23 11.31
CA PRO A 264 -4.35 13.89 11.41
C PRO A 264 -4.17 14.88 12.57
N GLU A 265 -5.28 15.29 13.19
CA GLU A 265 -5.24 16.15 14.39
C GLU A 265 -5.29 15.42 15.72
N THR A 266 -5.39 14.09 15.73
CA THR A 266 -5.49 13.25 16.90
C THR A 266 -4.13 12.71 17.34
N GLU A 267 -4.03 12.22 18.57
CA GLU A 267 -2.80 11.54 19.03
C GLU A 267 -2.58 10.19 18.37
N MET A 268 -3.60 9.60 17.73
CA MET A 268 -3.44 8.34 16.99
C MET A 268 -2.45 8.56 15.79
N TRP A 269 -2.47 9.77 15.20
CA TRP A 269 -1.72 10.03 13.94
C TRP A 269 -0.22 9.71 14.11
N ALA A 270 0.35 10.07 15.26
CA ALA A 270 1.79 9.79 15.54
C ALA A 270 2.10 8.29 15.65
N GLU A 271 1.11 7.45 15.88
CA GLU A 271 1.27 6.05 16.00
C GLU A 271 1.03 5.29 14.69
N LEU A 272 0.55 5.96 13.65
CA LEU A 272 0.29 5.28 12.36
C LEU A 272 1.57 5.13 11.53
N CYS A 273 1.78 3.95 11.00
CA CYS A 273 2.91 3.72 10.07
C CYS A 273 2.67 4.49 8.73
N PRO A 274 3.75 4.85 8.02
CA PRO A 274 3.61 5.74 6.86
C PRO A 274 2.64 5.23 5.81
N SER A 275 2.62 3.93 5.50
CA SER A 275 1.73 3.43 4.44
C SER A 275 0.26 3.52 4.88
N ALA A 276 -0.01 3.28 6.15
CA ALA A 276 -1.39 3.50 6.68
C ALA A 276 -1.81 4.99 6.66
N LYS A 277 -0.90 5.92 6.96
CA LYS A 277 -1.19 7.34 6.76
C LYS A 277 -1.57 7.64 5.30
N GLY A 278 -0.87 6.97 4.34
CA GLY A 278 -1.23 7.23 2.96
C GLY A 278 -2.63 6.73 2.61
N ALA A 279 -3.02 5.56 3.15
CA ALA A 279 -4.36 5.03 2.95
C ALA A 279 -5.44 6.02 3.46
N ILE A 280 -5.21 6.57 4.65
CA ILE A 280 -6.20 7.49 5.27
C ILE A 280 -6.26 8.83 4.59
N ILE A 281 -5.12 9.39 4.20
CA ILE A 281 -5.10 10.63 3.38
C ILE A 281 -5.91 10.43 2.06
N LEU A 282 -5.60 9.35 1.36
CA LEU A 282 -6.32 9.08 0.11
C LEU A 282 -7.81 8.76 0.32
N TYR A 283 -8.18 8.03 1.36
CA TYR A 283 -9.62 7.84 1.69
C TYR A 283 -10.29 9.21 1.90
N ASN A 284 -9.65 10.08 2.70
CA ASN A 284 -10.28 11.38 3.01
C ASN A 284 -10.42 12.26 1.72
N ARG A 285 -9.44 12.23 0.81
CA ARG A 285 -9.49 13.07 -0.41
C ARG A 285 -10.39 12.53 -1.47
N VAL A 286 -10.48 11.20 -1.66
CA VAL A 286 -11.12 10.54 -2.78
C VAL A 286 -12.50 10.07 -2.44
N GLN A 287 -12.74 9.41 -1.30
CA GLN A 287 -14.09 8.97 -0.87
C GLN A 287 -14.75 10.01 0.01
N GLY A 288 -14.07 10.56 0.98
CA GLY A 288 -14.66 11.69 1.76
C GLY A 288 -14.53 12.87 0.74
N SER A 289 -14.46 14.04 1.24
CA SER A 289 -14.49 15.27 0.52
C SER A 289 -15.56 15.38 -0.60
N PRO A 290 -16.84 15.56 -0.21
CA PRO A 290 -17.90 15.58 -1.20
C PRO A 290 -17.80 16.78 -2.17
N THR A 291 -18.40 16.65 -3.36
CA THR A 291 -18.34 17.67 -4.39
C THR A 291 -19.69 18.32 -4.71
N GLY A 292 -20.82 17.69 -4.38
CA GLY A 292 -22.13 18.16 -4.76
C GLY A 292 -22.84 18.94 -3.64
N ALA A 293 -23.97 19.52 -3.98
CA ALA A 293 -24.72 20.40 -3.08
C ALA A 293 -25.30 19.72 -1.80
N ALA A 294 -25.88 18.52 -1.93
CA ALA A 294 -26.46 17.84 -0.77
C ALA A 294 -25.40 17.49 0.26
N LEU A 295 -24.36 16.73 -0.11
CA LEU A 295 -23.34 16.30 0.91
C LEU A 295 -22.44 17.40 1.32
N GLY A 296 -22.34 18.46 0.49
CA GLY A 296 -21.58 19.66 0.84
C GLY A 296 -22.30 20.66 1.72
N SER A 297 -23.57 20.42 2.04
CA SER A 297 -24.36 21.35 2.84
C SER A 297 -23.82 21.36 4.29
N PRO A 298 -23.86 22.48 5.04
CA PRO A 298 -23.18 22.52 6.35
C PRO A 298 -23.62 21.50 7.40
N ALA A 299 -24.88 21.12 7.43
CA ALA A 299 -25.27 20.07 8.45
C ALA A 299 -24.66 18.69 8.17
N LEU A 300 -24.43 18.34 6.88
CA LEU A 300 -23.72 17.13 6.52
C LEU A 300 -22.19 17.24 6.39
N LEU A 301 -21.64 18.43 6.19
CA LEU A 301 -20.21 18.64 6.12
C LEU A 301 -19.90 19.76 7.11
N PRO A 302 -19.76 19.41 8.38
CA PRO A 302 -19.61 20.46 9.39
C PRO A 302 -18.34 21.32 9.20
N PRO A 303 -18.44 22.64 9.33
CA PRO A 303 -17.28 23.49 9.11
C PRO A 303 -16.12 23.25 10.16
N LEU A 304 -14.87 23.18 9.72
CA LEU A 304 -13.66 23.08 10.59
C LEU A 304 -13.06 21.69 10.89
S DMS B . 3.87 -7.91 21.18
O DMS B . 2.63 -8.44 21.80
C1 DMS B . 3.51 -6.30 21.04
C2 DMS B . 5.13 -7.92 22.35
S DMS C . -15.49 -10.86 -4.01
O DMS C . -16.72 -11.62 -3.62
C1 DMS C . -14.70 -10.51 -2.57
C2 DMS C . -14.44 -11.89 -4.88
S DMS D . 25.12 12.01 -16.47
O DMS D . 24.33 12.98 -17.30
C1 DMS D . 24.31 10.55 -16.62
C2 DMS D . 26.62 11.60 -17.16
S DMS E . -0.32 -0.80 4.91
O DMS E . 1.07 -0.85 5.33
C1 DMS E . -0.63 0.18 3.52
C2 DMS E . -0.67 -2.35 4.37
#